data_7ZWF
#
_entry.id   7ZWF
#
_cell.length_a   81.826
_cell.length_b   126.115
_cell.length_c   146.787
_cell.angle_alpha   90.000
_cell.angle_beta   90.000
_cell.angle_gamma   90.000
#
_symmetry.space_group_name_H-M   'C 2 2 21'
#
loop_
_entity.id
_entity.type
_entity.pdbx_description
1 polymer 'Gametocyte surface protein P45/48'
2 polymer 32F3scFv
3 branched alpha-L-fucopyranose-(1-6)-2-acetamido-2-deoxy-beta-D-glucopyranose
4 water water
#
loop_
_entity_poly.entity_id
_entity_poly.type
_entity_poly.pdbx_seq_one_letter_code
_entity_poly.pdbx_strand_id
1 'polypeptide(L)'
;MMLYISAKKAQVAFILYIVLVLRIISGNNDFCKPSSLNSEISGFIGYKCNFSNEGVHNLKPDMRERRSIFCTIHSYFIYD
KIRLIIPKKSSSPEFKILPEKCFQKVYTDYENRVETDISELGLIEYEIEENDTNPNYNERTITISPFSPKDIEFFCFCDN
TEKVISSIEGRSAMVHVRVLKYPHNILFTNLTNDLFTYLPKTYNESNFVSNVLEVELNDGELFVLACELINKKCFQEGKE
KALYKSNKIIYHKNLTIFKAPFYVTSKDVNTECTCKFKNNNYKIVLKPKYEKKVIHGCNFSSNVSSKHTFTDSLDISLVD
DSAHISCNVHLSEPKYNHLVGLNCPGDIIPDCFFQVYQPESEELEPSNIVYLDSQINIGDIEYYEDAEGDDKIKLFGIVG
SIPKTTSFTCICKKDKKSAYMTVTIDSA
;
A
2 'polypeptide(L)'
;MGILPSPGMPALLSLVSLLSVLLMGCVAETGDVKLVESGGGLVKLGGSLKLSCAASGFTFSSYYMSWVRQTPEKRLELVA
AINNNGGSTYYPDTVKGRFTISRDNAKNTLNLQMNSLKSEDTALYYCTRQHYGNLYFFDYWGQGTTLTVSGGSSRSSSSG
GGGSGGGGQIVLSQSPAILSASPGEKVTMTCRASSSVTYIHWYQQKPGSSPKPWIQATSSLASGVPARFSGSGSGTSYSL
SISRVEAEDAATYYCQQWSSNPLTFGAGTKLELKGTKHHHHHH
;
B
#
# COMPACT_ATOMS: atom_id res chain seq x y z
N CYS A 71 -7.31 -16.07 21.71
CA CYS A 71 -6.22 -16.26 20.77
C CYS A 71 -6.26 -17.67 20.21
N THR A 72 -6.27 -17.82 18.88
CA THR A 72 -6.25 -19.14 18.27
C THR A 72 -4.91 -19.29 17.54
N ILE A 73 -3.81 -19.10 18.30
CA ILE A 73 -2.45 -19.18 17.77
C ILE A 73 -2.20 -20.61 17.30
N HIS A 74 -2.02 -20.78 15.99
CA HIS A 74 -1.86 -22.09 15.39
C HIS A 74 -0.91 -21.98 14.19
N SER A 75 0.38 -22.26 14.41
CA SER A 75 1.40 -22.19 13.36
C SER A 75 2.64 -23.04 13.77
N TYR A 76 3.81 -22.87 13.11
CA TYR A 76 5.03 -23.57 13.50
C TYR A 76 5.67 -22.81 14.65
N PHE A 77 6.53 -23.48 15.44
CA PHE A 77 7.17 -22.83 16.59
C PHE A 77 8.67 -23.14 16.67
N ILE A 78 9.50 -22.09 16.77
CA ILE A 78 10.96 -22.21 16.88
C ILE A 78 11.42 -21.23 17.96
N TYR A 79 11.41 -21.66 19.23
CA TYR A 79 11.77 -20.86 20.39
C TYR A 79 11.10 -19.47 20.39
N ASP A 80 9.82 -19.42 20.01
CA ASP A 80 9.07 -18.16 19.95
C ASP A 80 8.27 -17.93 21.23
N LYS A 81 7.88 -16.67 21.51
CA LYS A 81 7.16 -16.34 22.74
C LYS A 81 5.65 -16.15 22.56
N ILE A 82 4.86 -16.71 23.49
CA ILE A 82 3.40 -16.59 23.43
C ILE A 82 2.94 -15.49 24.38
N GLU A 125 11.74 -29.23 24.26
CA GLU A 125 12.25 -28.18 25.14
C GLU A 125 11.19 -27.11 25.36
N TYR A 126 11.06 -26.64 26.61
CA TYR A 126 10.11 -25.59 26.99
C TYR A 126 10.49 -24.98 28.34
N GLU A 127 10.43 -23.65 28.45
CA GLU A 127 10.81 -22.96 29.67
C GLU A 127 9.97 -21.69 29.90
N THR A 141 2.77 -17.44 28.38
CA THR A 141 4.16 -16.98 28.29
C THR A 141 5.10 -18.19 28.31
N ILE A 142 5.26 -18.86 27.16
CA ILE A 142 6.10 -20.06 27.06
C ILE A 142 6.83 -20.16 25.71
N THR A 143 8.13 -20.53 25.73
CA THR A 143 8.88 -20.73 24.48
C THR A 143 8.57 -22.12 23.90
N ILE A 144 8.66 -22.30 22.57
CA ILE A 144 8.33 -23.60 21.97
C ILE A 144 9.36 -24.11 20.96
N SER A 145 10.19 -25.11 21.33
CA SER A 145 11.17 -25.69 20.42
C SER A 145 10.49 -26.44 19.26
N PRO A 146 11.10 -26.51 18.05
CA PRO A 146 10.43 -27.21 16.94
C PRO A 146 10.23 -28.69 17.16
N VAL A 175 -8.80 -18.96 24.86
CA VAL A 175 -7.51 -18.95 24.16
C VAL A 175 -7.00 -20.36 23.87
N HIS A 176 -7.07 -20.76 22.60
CA HIS A 176 -6.58 -22.06 22.17
C HIS A 176 -5.28 -21.87 21.41
N VAL A 177 -4.18 -22.49 21.89
CA VAL A 177 -2.90 -22.38 21.22
C VAL A 177 -2.40 -23.75 20.78
N ARG A 178 -2.77 -24.16 19.56
CA ARG A 178 -2.36 -25.46 19.04
C ARG A 178 -0.93 -25.36 18.48
N VAL A 179 -0.05 -26.27 18.91
CA VAL A 179 1.34 -26.30 18.47
C VAL A 179 1.52 -27.34 17.35
N LEU A 180 1.92 -26.90 16.15
CA LEU A 180 2.13 -27.81 15.05
C LEU A 180 3.57 -28.33 15.07
N LYS A 181 3.77 -29.65 14.87
CA LYS A 181 5.10 -30.21 14.83
C LYS A 181 5.76 -29.73 13.54
N TYR A 182 6.95 -29.11 13.67
CA TYR A 182 7.74 -28.51 12.59
C TYR A 182 7.68 -29.29 11.26
N PRO A 183 7.16 -28.65 10.18
CA PRO A 183 6.97 -29.37 8.92
C PRO A 183 8.22 -29.80 8.16
N HIS A 184 9.41 -29.55 8.70
CA HIS A 184 10.65 -29.91 8.00
C HIS A 184 11.63 -30.72 8.88
N ASN A 185 12.72 -31.21 8.29
CA ASN A 185 13.71 -32.00 8.99
C ASN A 185 14.64 -31.11 9.82
N ILE A 186 14.98 -31.53 11.04
CA ILE A 186 15.90 -30.79 11.90
C ILE A 186 17.27 -31.48 11.91
N LEU A 187 18.34 -30.74 11.56
CA LEU A 187 19.69 -31.30 11.53
C LEU A 187 20.49 -30.81 12.73
N PHE A 188 20.77 -31.70 13.68
CA PHE A 188 21.52 -31.33 14.88
C PHE A 188 23.01 -31.66 14.84
N THR A 189 23.85 -30.68 15.20
CA THR A 189 25.28 -30.89 15.28
C THR A 189 25.74 -30.86 16.75
N ASN A 190 26.47 -31.89 17.19
CA ASN A 190 26.94 -32.01 18.56
C ASN A 190 28.39 -31.49 18.74
N LEU A 191 28.57 -30.37 19.46
CA LEU A 191 29.90 -29.81 19.71
C LEU A 191 30.01 -29.28 21.15
N PHE A 208 34.22 -31.66 11.20
CA PHE A 208 34.27 -32.91 10.45
C PHE A 208 35.69 -33.12 9.83
N VAL A 209 35.93 -32.82 8.53
CA VAL A 209 37.24 -32.98 7.93
C VAL A 209 38.01 -31.69 8.08
N SER A 210 39.15 -31.75 8.82
CA SER A 210 40.05 -30.63 9.09
C SER A 210 39.37 -29.44 9.81
N ASN A 211 38.69 -29.73 10.94
CA ASN A 211 37.97 -28.79 11.83
C ASN A 211 36.81 -28.01 11.14
N VAL A 212 36.38 -28.42 9.94
CA VAL A 212 35.26 -27.74 9.26
C VAL A 212 34.18 -28.71 8.79
N LEU A 213 32.93 -28.25 8.71
CA LEU A 213 31.83 -29.10 8.27
C LEU A 213 30.97 -28.41 7.18
N GLU A 214 30.95 -29.01 5.98
CA GLU A 214 30.17 -28.51 4.86
C GLU A 214 28.83 -29.25 4.84
N VAL A 215 27.69 -28.53 4.77
CA VAL A 215 26.34 -29.13 4.80
C VAL A 215 25.38 -28.55 3.75
N GLU A 216 24.76 -29.41 2.92
CA GLU A 216 23.79 -28.94 1.94
C GLU A 216 22.40 -28.92 2.59
N LEU A 217 21.71 -27.77 2.56
CA LEU A 217 20.39 -27.64 3.18
C LEU A 217 19.25 -27.55 2.17
N ASN A 218 18.09 -28.12 2.50
CA ASN A 218 16.91 -28.07 1.65
C ASN A 218 16.09 -26.83 1.98
N ASP A 219 15.24 -26.37 1.04
CA ASP A 219 14.37 -25.22 1.26
C ASP A 219 13.48 -25.41 2.51
N GLY A 220 13.75 -24.64 3.55
CA GLY A 220 12.99 -24.75 4.78
C GLY A 220 13.58 -25.65 5.85
N GLU A 221 14.57 -26.49 5.48
CA GLU A 221 15.22 -27.42 6.41
C GLU A 221 15.89 -26.65 7.56
N LEU A 222 15.90 -27.23 8.75
CA LEU A 222 16.48 -26.57 9.92
C LEU A 222 17.85 -27.16 10.29
N PHE A 223 18.70 -26.34 10.90
CA PHE A 223 20.02 -26.78 11.34
C PHE A 223 20.28 -26.15 12.71
N VAL A 224 20.33 -26.96 13.76
CA VAL A 224 20.55 -26.45 15.11
C VAL A 224 21.93 -26.83 15.64
N LEU A 225 22.67 -25.84 16.13
CA LEU A 225 23.98 -26.06 16.72
C LEU A 225 23.90 -25.85 18.23
N ALA A 226 24.40 -26.82 19.01
CA ALA A 226 24.48 -26.68 20.46
C ALA A 226 25.93 -26.36 20.79
N CYS A 227 26.23 -25.09 21.06
CA CYS A 227 27.58 -24.66 21.38
C CYS A 227 27.48 -23.41 22.24
N GLU A 228 28.10 -23.44 23.42
CA GLU A 228 28.04 -22.31 24.34
C GLU A 228 29.15 -21.26 24.15
N LEU A 229 29.99 -21.42 23.12
CA LEU A 229 31.08 -20.49 22.89
C LEU A 229 31.11 -19.93 21.46
N ILE A 230 30.61 -18.70 21.26
CA ILE A 230 30.65 -17.99 19.99
C ILE A 230 31.13 -16.54 20.26
N ASN A 231 32.48 -16.34 20.30
CA ASN A 231 33.16 -15.07 20.58
C ASN A 231 32.69 -13.84 19.78
N LYS A 232 31.99 -14.07 18.65
CA LYS A 232 31.45 -13.02 17.78
C LYS A 232 30.22 -13.54 17.01
N LYS A 233 29.47 -12.63 16.35
CA LYS A 233 28.29 -12.95 15.56
C LYS A 233 28.60 -14.02 14.50
N CYS A 234 27.89 -15.17 14.59
CA CYS A 234 28.12 -16.29 13.68
C CYS A 234 26.90 -16.56 12.78
N PHE A 235 27.14 -17.24 11.66
CA PHE A 235 26.17 -17.51 10.60
C PHE A 235 25.50 -16.22 10.06
N GLN A 236 26.13 -15.06 10.34
CA GLN A 236 25.74 -13.73 9.86
C GLN A 236 26.66 -13.27 8.68
N GLU A 237 27.71 -14.07 8.35
CA GLU A 237 28.69 -13.81 7.30
C GLU A 237 29.08 -15.13 6.59
N GLY A 238 29.64 -15.04 5.39
CA GLY A 238 30.03 -16.21 4.60
C GLY A 238 31.51 -16.50 4.60
N LYS A 239 31.90 -17.79 4.45
CA LYS A 239 33.32 -18.18 4.44
C LYS A 239 33.98 -18.15 3.06
N GLU A 240 33.36 -17.47 2.09
CA GLU A 240 33.84 -17.34 0.72
C GLU A 240 33.15 -16.11 0.06
N LYS A 241 33.31 -15.93 -1.27
CA LYS A 241 32.66 -14.85 -2.00
C LYS A 241 31.21 -15.28 -2.17
N ALA A 242 30.43 -15.20 -1.06
CA ALA A 242 29.05 -15.65 -1.00
C ALA A 242 28.39 -15.33 0.33
N LEU A 243 27.20 -14.75 0.32
CA LEU A 243 26.46 -14.46 1.53
C LEU A 243 25.12 -15.22 1.55
N TYR A 244 25.07 -16.32 2.31
CA TYR A 244 23.88 -17.15 2.40
C TYR A 244 22.98 -16.64 3.52
N LYS A 245 22.06 -15.73 3.21
CA LYS A 245 21.21 -15.13 4.21
C LYS A 245 19.99 -15.95 4.61
N SER A 246 19.88 -16.24 5.90
CA SER A 246 18.72 -16.93 6.47
C SER A 246 17.88 -15.87 7.18
N ASN A 247 16.58 -15.97 7.04
CA ASN A 247 15.68 -15.03 7.69
C ASN A 247 15.50 -15.32 9.19
N LYS A 248 15.80 -16.56 9.66
CA LYS A 248 15.66 -16.90 11.07
C LYS A 248 16.92 -17.52 11.68
N ILE A 249 17.72 -16.72 12.38
CA ILE A 249 18.91 -17.20 13.09
C ILE A 249 18.65 -17.10 14.60
N ILE A 250 18.11 -18.16 15.19
CA ILE A 250 17.68 -18.16 16.58
C ILE A 250 18.81 -18.26 17.59
N TYR A 251 18.93 -17.28 18.49
CA TYR A 251 19.98 -17.31 19.52
C TYR A 251 19.35 -17.46 20.89
N HIS A 252 19.38 -18.67 21.48
CA HIS A 252 18.79 -18.87 22.81
C HIS A 252 19.49 -19.97 23.61
N LYS A 253 19.89 -19.66 24.88
CA LYS A 253 20.59 -20.60 25.79
C LYS A 253 21.81 -21.24 25.11
N ASN A 254 22.50 -20.42 24.28
CA ASN A 254 23.60 -20.78 23.39
C ASN A 254 23.31 -22.07 22.60
N LEU A 255 22.17 -22.05 21.92
CA LEU A 255 21.67 -23.11 21.05
C LEU A 255 21.17 -22.37 19.80
N THR A 256 22.11 -21.99 18.91
CA THR A 256 21.81 -21.28 17.67
C THR A 256 20.98 -22.16 16.71
N ILE A 257 19.98 -21.57 16.05
CA ILE A 257 19.09 -22.26 15.12
C ILE A 257 19.14 -21.61 13.74
N PHE A 258 19.31 -22.39 12.67
CA PHE A 258 19.38 -21.90 11.28
C PHE A 258 18.23 -22.43 10.44
N LYS A 259 17.43 -21.54 9.85
CA LYS A 259 16.32 -21.92 8.97
C LYS A 259 16.70 -21.64 7.52
N ALA A 260 16.80 -22.68 6.68
CA ALA A 260 17.16 -22.48 5.28
C ALA A 260 16.08 -21.71 4.50
N PRO A 261 16.51 -20.68 3.75
CA PRO A 261 15.54 -19.86 3.01
C PRO A 261 14.84 -20.57 1.86
N PHE A 262 13.82 -19.94 1.32
CA PHE A 262 13.07 -20.42 0.16
C PHE A 262 13.46 -19.68 -1.14
N TYR A 263 14.29 -18.64 -1.05
CA TYR A 263 14.80 -17.91 -2.20
C TYR A 263 16.28 -17.54 -1.94
N VAL A 264 17.09 -17.53 -2.99
CA VAL A 264 18.48 -17.12 -2.93
C VAL A 264 18.87 -16.51 -4.29
N THR A 265 19.71 -15.47 -4.26
CA THR A 265 20.18 -14.78 -5.45
C THR A 265 20.92 -15.73 -6.41
N SER A 266 21.83 -16.56 -5.88
CA SER A 266 22.59 -17.50 -6.69
C SER A 266 22.93 -18.82 -5.96
N LYS A 267 23.41 -19.83 -6.70
CA LYS A 267 23.79 -21.14 -6.18
C LYS A 267 25.14 -21.05 -5.42
N ASP A 268 26.07 -20.21 -5.92
CA ASP A 268 27.40 -19.97 -5.35
C ASP A 268 27.25 -19.11 -4.09
N VAL A 269 26.77 -19.71 -2.98
CA VAL A 269 26.49 -19.00 -1.74
C VAL A 269 26.71 -19.93 -0.51
N ASN A 270 27.30 -19.40 0.57
CA ASN A 270 27.59 -20.15 1.79
C ASN A 270 27.64 -19.27 3.05
N THR A 271 27.44 -19.86 4.23
CA THR A 271 27.48 -19.11 5.49
C THR A 271 28.35 -19.82 6.50
N GLU A 272 29.07 -19.06 7.34
CA GLU A 272 30.02 -19.62 8.30
C GLU A 272 29.70 -19.28 9.75
N CYS A 273 29.96 -20.24 10.66
CA CYS A 273 29.85 -20.06 12.09
C CYS A 273 31.06 -20.68 12.80
N THR A 274 31.61 -20.01 13.82
CA THR A 274 32.74 -20.57 14.57
C THR A 274 32.34 -20.97 15.99
N CYS A 275 32.50 -22.26 16.31
CA CYS A 275 32.18 -22.81 17.63
C CYS A 275 33.49 -23.18 18.35
N LYS A 276 33.80 -22.46 19.44
CA LYS A 276 34.99 -22.72 20.23
C LYS A 276 34.76 -23.93 21.12
N PHE A 277 34.95 -25.15 20.59
CA PHE A 277 34.76 -26.37 21.35
C PHE A 277 36.11 -26.92 21.77
N LYS A 278 36.30 -27.19 23.07
CA LYS A 278 37.57 -27.64 23.65
C LYS A 278 38.64 -26.53 23.39
N ASN A 279 39.72 -26.83 22.67
CA ASN A 279 40.74 -25.84 22.32
C ASN A 279 40.98 -25.88 20.81
N ASN A 280 39.90 -26.00 20.02
CA ASN A 280 39.93 -26.12 18.57
C ASN A 280 38.77 -25.33 17.95
N ASN A 281 39.00 -24.65 16.82
CA ASN A 281 37.97 -23.84 16.16
C ASN A 281 37.20 -24.65 15.12
N TYR A 282 36.00 -25.12 15.46
CA TYR A 282 35.16 -25.87 14.52
C TYR A 282 34.31 -24.88 13.75
N LYS A 283 34.54 -24.77 12.44
CA LYS A 283 33.81 -23.81 11.62
C LYS A 283 32.79 -24.47 10.68
N ILE A 284 31.51 -24.17 10.85
CA ILE A 284 30.44 -24.75 10.03
C ILE A 284 30.16 -23.91 8.78
N VAL A 285 30.05 -24.56 7.61
CA VAL A 285 29.72 -23.91 6.33
C VAL A 285 28.51 -24.60 5.65
N LEU A 286 27.44 -23.84 5.39
CA LEU A 286 26.23 -24.42 4.76
C LEU A 286 26.06 -23.92 3.32
N LYS A 287 25.59 -24.78 2.42
CA LYS A 287 25.36 -24.43 1.02
C LYS A 287 23.92 -24.80 0.59
N PRO A 288 23.34 -24.17 -0.46
CA PRO A 288 21.96 -24.48 -0.83
C PRO A 288 21.85 -25.55 -1.90
N LYS A 289 20.81 -26.39 -1.83
CA LYS A 289 20.57 -27.39 -2.88
C LYS A 289 19.77 -26.62 -3.91
N TYR A 290 20.44 -25.74 -4.66
CA TYR A 290 19.82 -24.83 -5.61
C TYR A 290 18.82 -25.50 -6.56
N GLU A 291 17.66 -24.87 -6.70
CA GLU A 291 16.59 -25.30 -7.59
C GLU A 291 16.08 -24.04 -8.30
N LYS A 292 16.21 -24.00 -9.63
CA LYS A 292 15.80 -22.87 -10.48
C LYS A 292 14.33 -22.56 -10.23
N LYS A 293 14.04 -21.43 -9.54
CA LYS A 293 12.65 -21.11 -9.19
C LYS A 293 12.09 -19.86 -9.86
N VAL A 294 10.96 -20.01 -10.56
CA VAL A 294 10.27 -18.88 -11.17
C VAL A 294 9.42 -18.22 -10.07
N ILE A 295 9.21 -16.91 -10.18
CA ILE A 295 8.37 -16.17 -9.26
C ILE A 295 7.02 -15.96 -9.90
N HIS A 296 5.95 -16.42 -9.25
CA HIS A 296 4.58 -16.22 -9.69
C HIS A 296 4.26 -14.77 -9.39
N GLY A 297 4.35 -13.93 -10.42
CA GLY A 297 4.15 -12.51 -10.25
C GLY A 297 4.40 -11.72 -11.50
N CYS A 298 4.43 -10.39 -11.35
CA CYS A 298 4.57 -9.52 -12.52
C CYS A 298 5.89 -8.78 -12.60
N ASN A 299 6.51 -8.80 -13.81
CA ASN A 299 7.71 -8.01 -14.02
C ASN A 299 7.27 -6.77 -14.78
N PHE A 300 7.26 -5.63 -14.10
CA PHE A 300 6.90 -4.36 -14.74
C PHE A 300 8.10 -3.62 -15.32
N SER A 301 9.31 -4.14 -15.14
CA SER A 301 10.52 -3.55 -15.67
C SER A 301 10.72 -3.91 -17.15
N SER A 302 11.71 -3.28 -17.79
CA SER A 302 11.97 -3.52 -19.20
C SER A 302 13.37 -4.10 -19.49
N ASN A 303 14.16 -4.39 -18.46
CA ASN A 303 15.50 -4.94 -18.68
C ASN A 303 15.44 -6.47 -18.89
N VAL A 304 16.03 -6.96 -19.99
CA VAL A 304 16.09 -8.40 -20.23
C VAL A 304 17.15 -9.08 -19.31
N SER A 305 18.09 -8.30 -18.77
CA SER A 305 19.13 -8.76 -17.85
C SER A 305 18.62 -8.71 -16.40
N SER A 306 18.38 -9.86 -15.81
CA SER A 306 17.96 -9.95 -14.41
C SER A 306 18.25 -11.36 -13.90
N LYS A 307 18.55 -11.50 -12.60
CA LYS A 307 18.71 -12.84 -12.03
C LYS A 307 17.36 -13.47 -11.61
N HIS A 308 16.22 -12.78 -11.85
CA HIS A 308 14.92 -13.30 -11.44
C HIS A 308 14.03 -13.62 -12.64
N THR A 309 13.22 -14.69 -12.54
CA THR A 309 12.34 -15.08 -13.62
C THR A 309 10.91 -14.95 -13.15
N PHE A 310 10.05 -14.19 -13.85
CA PHE A 310 8.66 -14.00 -13.46
C PHE A 310 7.69 -14.69 -14.40
N THR A 311 6.58 -15.22 -13.86
CA THR A 311 5.57 -15.90 -14.68
C THR A 311 4.86 -14.94 -15.64
N ASP A 312 4.64 -13.70 -15.21
CA ASP A 312 3.98 -12.70 -16.03
C ASP A 312 4.85 -11.46 -16.17
N SER A 313 4.67 -10.74 -17.27
CA SER A 313 5.42 -9.53 -17.57
C SER A 313 4.49 -8.46 -18.17
N LEU A 314 4.72 -7.19 -17.85
CA LEU A 314 3.95 -6.08 -18.41
C LEU A 314 4.82 -4.87 -18.22
N ASP A 315 5.62 -4.54 -19.25
CA ASP A 315 6.53 -3.40 -19.23
C ASP A 315 5.71 -2.12 -19.08
N ILE A 316 5.83 -1.48 -17.90
CA ILE A 316 5.08 -0.28 -17.53
C ILE A 316 5.34 0.89 -18.49
N SER A 317 6.51 0.92 -19.13
CA SER A 317 6.81 1.96 -20.12
C SER A 317 5.86 1.90 -21.34
N LEU A 318 5.18 0.75 -21.56
CA LEU A 318 4.23 0.55 -22.65
C LEU A 318 2.83 1.02 -22.35
N VAL A 319 2.56 1.40 -21.09
CA VAL A 319 1.26 1.85 -20.70
C VAL A 319 1.20 3.38 -20.87
N ASP A 320 0.00 3.89 -21.24
CA ASP A 320 -0.19 5.30 -21.47
C ASP A 320 -0.13 6.10 -20.16
N ASP A 321 0.20 7.40 -20.25
CA ASP A 321 0.22 8.26 -19.06
C ASP A 321 -1.20 8.40 -18.53
N SER A 322 -1.34 8.36 -17.20
CA SER A 322 -2.63 8.46 -16.48
C SER A 322 -3.50 7.21 -16.58
N ALA A 323 -2.98 6.11 -17.17
CA ALA A 323 -3.74 4.87 -17.28
C ALA A 323 -3.37 3.86 -16.17
N HIS A 324 -4.28 2.93 -15.87
CA HIS A 324 -4.09 1.97 -14.80
C HIS A 324 -4.47 0.60 -15.33
N ILE A 325 -3.50 -0.30 -15.38
CA ILE A 325 -3.72 -1.62 -15.93
C ILE A 325 -3.34 -2.70 -14.93
N SER A 326 -4.10 -3.77 -14.85
CA SER A 326 -3.85 -4.88 -13.94
C SER A 326 -3.03 -5.97 -14.59
N CYS A 327 -2.33 -6.74 -13.77
CA CYS A 327 -1.59 -7.91 -14.19
C CYS A 327 -2.01 -8.91 -13.14
N ASN A 328 -2.81 -9.92 -13.50
CA ASN A 328 -3.34 -10.87 -12.51
C ASN A 328 -2.55 -12.15 -12.38
N VAL A 329 -2.42 -12.63 -11.13
CA VAL A 329 -1.75 -13.89 -10.81
C VAL A 329 -2.73 -14.73 -9.99
N HIS A 330 -3.01 -15.98 -10.42
CA HIS A 330 -3.94 -16.84 -9.70
C HIS A 330 -3.26 -18.15 -9.37
N LEU A 331 -3.26 -18.53 -8.09
CA LEU A 331 -2.65 -19.77 -7.62
C LEU A 331 -3.75 -20.75 -7.20
N SER A 332 -3.66 -22.01 -7.67
CA SER A 332 -4.69 -23.01 -7.36
C SER A 332 -4.12 -24.41 -7.17
N GLU A 333 -3.57 -24.67 -5.98
CA GLU A 333 -2.97 -25.95 -5.63
C GLU A 333 -3.44 -26.44 -4.24
N PRO A 334 -3.66 -27.76 -4.03
CA PRO A 334 -4.08 -28.23 -2.68
C PRO A 334 -3.07 -27.79 -1.61
N LYS A 335 -1.77 -27.95 -1.89
CA LYS A 335 -0.67 -27.51 -1.04
C LYS A 335 0.24 -26.60 -1.88
N TYR A 336 0.67 -25.47 -1.32
CA TYR A 336 1.50 -24.53 -2.06
C TYR A 336 2.96 -24.61 -1.65
N ASN A 337 3.85 -24.18 -2.54
CA ASN A 337 5.30 -24.10 -2.31
C ASN A 337 5.81 -23.24 -3.44
N HIS A 338 5.44 -21.96 -3.40
CA HIS A 338 5.77 -21.02 -4.46
C HIS A 338 6.27 -19.67 -3.92
N LEU A 339 6.85 -18.85 -4.80
CA LEU A 339 7.31 -17.51 -4.50
C LEU A 339 6.41 -16.54 -5.25
N VAL A 340 5.80 -15.57 -4.56
CA VAL A 340 4.91 -14.56 -5.14
C VAL A 340 5.62 -13.21 -5.00
N GLY A 341 5.65 -12.42 -6.07
CA GLY A 341 6.36 -11.15 -6.03
C GLY A 341 6.23 -10.29 -7.25
N LEU A 342 7.05 -9.25 -7.35
CA LEU A 342 7.01 -8.33 -8.47
C LEU A 342 8.36 -7.65 -8.70
N ASN A 343 8.51 -7.02 -9.87
CA ASN A 343 9.66 -6.21 -10.16
C ASN A 343 9.08 -4.88 -10.61
N CYS A 344 9.42 -3.79 -9.92
CA CYS A 344 8.90 -2.48 -10.25
C CYS A 344 10.02 -1.50 -10.53
N PRO A 345 10.00 -0.84 -11.69
CA PRO A 345 11.04 0.15 -11.97
C PRO A 345 10.77 1.51 -11.31
N GLY A 346 9.70 1.65 -10.53
CA GLY A 346 9.37 2.91 -9.88
C GLY A 346 8.97 2.76 -8.43
N ASP A 347 7.89 3.41 -8.00
CA ASP A 347 7.42 3.32 -6.61
C ASP A 347 6.51 2.12 -6.39
N ILE A 348 6.74 1.36 -5.32
CA ILE A 348 5.88 0.24 -4.93
C ILE A 348 4.89 0.74 -3.86
N ILE A 349 3.59 0.46 -4.03
CA ILE A 349 2.56 0.87 -3.09
C ILE A 349 1.66 -0.32 -2.78
N PRO A 350 1.44 -0.66 -1.51
CA PRO A 350 2.08 -0.12 -0.29
C PRO A 350 3.51 -0.70 -0.12
N ASP A 351 3.97 -0.91 1.11
CA ASP A 351 5.28 -1.52 1.36
C ASP A 351 5.14 -3.03 1.19
N CYS A 352 4.99 -3.49 -0.06
CA CYS A 352 4.85 -4.90 -0.41
C CYS A 352 6.19 -5.65 -0.16
N PHE A 353 6.14 -6.93 0.26
CA PHE A 353 4.89 -7.66 0.58
C PHE A 353 4.62 -7.76 2.10
N PHE A 354 5.33 -6.98 2.95
CA PHE A 354 5.03 -6.97 4.39
C PHE A 354 3.61 -6.45 4.63
N GLN A 355 3.22 -5.44 3.84
CA GLN A 355 1.88 -4.91 3.80
C GLN A 355 1.39 -4.90 2.34
N VAL A 356 0.15 -5.33 2.16
CA VAL A 356 -0.48 -5.41 0.87
C VAL A 356 -1.80 -4.58 0.87
N TYR A 357 -2.30 -4.29 -0.32
CA TYR A 357 -3.51 -3.52 -0.53
C TYR A 357 -4.66 -4.51 -0.64
N GLN A 358 -5.70 -4.38 0.19
CA GLN A 358 -6.86 -5.28 0.16
C GLN A 358 -7.50 -5.39 -1.22
N PRO A 359 -8.19 -6.51 -1.53
CA PRO A 359 -8.88 -6.61 -2.82
C PRO A 359 -10.05 -5.63 -2.95
N GLU A 360 -10.53 -5.46 -4.18
CA GLU A 360 -11.62 -4.54 -4.47
C GLU A 360 -12.97 -5.09 -4.00
N SER A 361 -13.80 -4.24 -3.40
CA SER A 361 -15.11 -4.66 -2.93
C SER A 361 -16.09 -4.75 -4.09
N GLU A 362 -17.13 -5.60 -3.96
CA GLU A 362 -18.20 -5.62 -4.94
C GLU A 362 -19.15 -4.42 -4.73
N GLU A 363 -19.20 -3.88 -3.50
CA GLU A 363 -19.97 -2.71 -3.10
C GLU A 363 -19.09 -1.45 -3.10
N LEU A 364 -19.69 -0.26 -2.81
CA LEU A 364 -18.90 0.96 -2.74
C LEU A 364 -18.28 1.13 -1.37
N GLU A 365 -17.31 0.29 -1.07
CA GLU A 365 -16.62 0.21 0.20
C GLU A 365 -15.12 0.45 0.00
N PRO A 366 -14.43 0.98 1.03
CA PRO A 366 -12.98 1.22 0.87
C PRO A 366 -12.15 -0.04 0.82
N SER A 367 -10.91 0.08 0.33
CA SER A 367 -9.96 -1.02 0.36
C SER A 367 -8.78 -0.46 1.14
N ASN A 368 -8.36 -1.14 2.23
CA ASN A 368 -7.26 -0.66 3.06
C ASN A 368 -5.93 -1.32 2.84
N ILE A 369 -4.88 -0.71 3.37
CA ILE A 369 -3.56 -1.27 3.46
C ILE A 369 -3.58 -2.14 4.72
N VAL A 370 -3.18 -3.39 4.60
CA VAL A 370 -3.16 -4.34 5.71
C VAL A 370 -1.82 -5.09 5.68
N TYR A 371 -1.48 -5.78 6.78
CA TYR A 371 -0.28 -6.60 6.81
C TYR A 371 -0.61 -7.90 6.05
N LEU A 372 0.36 -8.43 5.29
CA LEU A 372 0.12 -9.66 4.54
C LEU A 372 -0.15 -10.84 5.47
N ASP A 373 0.53 -10.87 6.64
CA ASP A 373 0.39 -11.91 7.65
C ASP A 373 -1.05 -12.09 8.10
N SER A 374 -1.78 -10.99 8.26
CA SER A 374 -3.18 -11.02 8.66
C SER A 374 -4.09 -11.47 7.52
N GLN A 375 -3.75 -11.12 6.29
CA GLN A 375 -4.53 -11.49 5.12
C GLN A 375 -4.43 -13.00 4.81
N ILE A 376 -3.21 -13.57 4.76
CA ILE A 376 -3.01 -15.00 4.46
C ILE A 376 -3.20 -15.89 5.71
N ASN A 377 -2.95 -15.32 6.91
CA ASN A 377 -3.10 -15.97 8.22
C ASN A 377 -2.14 -17.16 8.42
N ILE A 378 -0.87 -17.02 7.99
CA ILE A 378 0.15 -18.06 8.17
C ILE A 378 1.35 -17.47 8.95
N GLY A 379 2.08 -18.31 9.68
CA GLY A 379 3.23 -17.86 10.45
C GLY A 379 4.52 -17.97 9.67
N ASP A 380 5.54 -17.18 10.07
CA ASP A 380 6.87 -17.16 9.44
C ASP A 380 6.80 -17.05 7.91
N ILE A 381 5.92 -16.18 7.36
CA ILE A 381 5.84 -16.00 5.91
C ILE A 381 7.12 -15.29 5.50
N GLU A 382 8.03 -16.02 4.88
CA GLU A 382 9.32 -15.49 4.50
C GLU A 382 9.18 -14.41 3.46
N TYR A 383 9.86 -13.29 3.66
CA TYR A 383 9.81 -12.15 2.76
C TYR A 383 11.19 -11.93 2.24
N TYR A 384 11.30 -11.66 0.95
CA TYR A 384 12.60 -11.46 0.30
C TYR A 384 12.58 -10.20 -0.54
N GLU A 385 13.74 -9.63 -0.79
CA GLU A 385 13.86 -8.42 -1.57
C GLU A 385 15.17 -8.38 -2.35
N ASP A 386 15.23 -7.56 -3.38
CA ASP A 386 16.40 -7.37 -4.22
C ASP A 386 16.31 -6.08 -5.03
N ALA A 387 17.42 -5.60 -5.58
CA ALA A 387 17.42 -4.39 -6.41
C ALA A 387 18.46 -4.53 -7.50
N GLU A 388 18.10 -4.14 -8.72
CA GLU A 388 18.99 -4.22 -9.85
C GLU A 388 18.83 -2.92 -10.63
N GLY A 389 19.58 -1.90 -10.24
CA GLY A 389 19.48 -0.58 -10.85
C GLY A 389 18.34 0.16 -10.19
N ASP A 390 17.50 0.85 -10.98
CA ASP A 390 16.30 1.48 -10.42
C ASP A 390 15.13 0.46 -10.38
N ASP A 391 15.41 -0.86 -10.43
CA ASP A 391 14.39 -1.89 -10.43
C ASP A 391 14.33 -2.57 -9.10
N LYS A 392 13.17 -2.51 -8.44
CA LYS A 392 12.99 -3.08 -7.13
C LYS A 392 12.24 -4.42 -7.21
N ILE A 393 12.81 -5.46 -6.60
CA ILE A 393 12.19 -6.78 -6.56
C ILE A 393 11.68 -7.10 -5.12
N LYS A 394 10.37 -7.37 -4.94
CA LYS A 394 9.84 -7.74 -3.63
C LYS A 394 9.17 -9.08 -3.79
N LEU A 395 9.44 -10.02 -2.89
CA LEU A 395 8.92 -11.38 -3.00
C LEU A 395 8.49 -11.90 -1.63
N PHE A 396 7.82 -13.04 -1.62
CA PHE A 396 7.42 -13.73 -0.40
C PHE A 396 7.19 -15.25 -0.69
N GLY A 397 7.47 -16.10 0.30
CA GLY A 397 7.30 -17.54 0.15
C GLY A 397 6.13 -18.10 0.96
N ILE A 398 5.36 -19.02 0.35
CA ILE A 398 4.21 -19.67 0.99
C ILE A 398 4.27 -21.21 0.86
N VAL A 399 4.35 -21.91 2.01
CA VAL A 399 4.46 -23.37 2.03
C VAL A 399 3.31 -24.01 2.83
N GLY A 400 2.41 -24.71 2.15
CA GLY A 400 1.27 -25.40 2.77
C GLY A 400 -0.07 -24.92 2.29
N SER A 401 -1.17 -25.48 2.84
CA SER A 401 -2.52 -25.06 2.44
C SER A 401 -3.00 -23.91 3.32
N ILE A 402 -3.65 -22.93 2.70
CA ILE A 402 -4.18 -21.78 3.45
C ILE A 402 -5.64 -22.04 3.86
N PRO A 403 -6.06 -21.49 5.02
CA PRO A 403 -7.42 -21.73 5.50
C PRO A 403 -8.55 -21.31 4.57
N LYS A 404 -8.35 -20.23 3.80
CA LYS A 404 -9.39 -19.77 2.86
C LYS A 404 -8.81 -19.05 1.63
N THR A 405 -9.60 -18.99 0.54
CA THR A 405 -9.20 -18.31 -0.69
C THR A 405 -8.96 -16.83 -0.42
N THR A 406 -7.68 -16.43 -0.47
CA THR A 406 -7.24 -15.08 -0.18
C THR A 406 -6.79 -14.29 -1.40
N SER A 407 -7.23 -13.03 -1.53
CA SER A 407 -6.79 -12.17 -2.61
C SER A 407 -6.23 -10.84 -2.07
N PHE A 408 -5.25 -10.26 -2.78
CA PHE A 408 -4.65 -8.97 -2.38
C PHE A 408 -3.96 -8.28 -3.59
N THR A 409 -3.52 -7.03 -3.43
CA THR A 409 -2.93 -6.26 -4.53
C THR A 409 -1.63 -5.54 -4.15
N CYS A 410 -0.86 -5.17 -5.17
CA CYS A 410 0.34 -4.39 -5.00
C CYS A 410 0.47 -3.47 -6.23
N ILE A 411 0.70 -2.18 -6.02
CA ILE A 411 0.77 -1.19 -7.11
C ILE A 411 2.20 -0.81 -7.49
N CYS A 412 2.49 -0.79 -8.78
CA CYS A 412 3.76 -0.29 -9.28
C CYS A 412 3.47 0.99 -10.05
N LYS A 413 4.24 2.04 -9.87
CA LYS A 413 4.00 3.32 -10.52
C LYS A 413 5.31 4.04 -10.87
N LYS A 414 5.48 4.38 -12.13
CA LYS A 414 6.66 5.07 -12.70
C LYS A 414 6.22 6.34 -13.45
N ASP A 415 6.43 7.51 -12.84
CA ASP A 415 6.05 8.82 -13.39
C ASP A 415 4.51 8.87 -13.53
N LYS A 416 3.96 9.11 -14.74
CA LYS A 416 2.52 9.12 -14.93
C LYS A 416 1.92 7.74 -15.22
N LYS A 417 2.73 6.70 -15.30
CA LYS A 417 2.28 5.36 -15.63
C LYS A 417 2.15 4.50 -14.41
N SER A 418 1.07 3.74 -14.34
CA SER A 418 0.82 2.86 -13.20
C SER A 418 0.21 1.56 -13.66
N ALA A 419 0.58 0.51 -12.97
CA ALA A 419 0.06 -0.83 -13.23
C ALA A 419 -0.03 -1.50 -11.88
N TYR A 420 -1.01 -2.37 -11.68
CA TYR A 420 -1.18 -3.01 -10.38
C TYR A 420 -1.23 -4.52 -10.52
N MET A 421 -0.58 -5.24 -9.60
CA MET A 421 -0.61 -6.69 -9.61
C MET A 421 -1.71 -7.14 -8.65
N THR A 422 -2.67 -7.93 -9.15
CA THR A 422 -3.71 -8.51 -8.30
C THR A 422 -3.31 -9.98 -8.12
N VAL A 423 -3.43 -10.54 -6.92
CA VAL A 423 -3.04 -11.91 -6.64
C VAL A 423 -4.21 -12.59 -5.98
N THR A 424 -4.61 -13.76 -6.47
CA THR A 424 -5.67 -14.57 -5.88
C THR A 424 -5.08 -15.95 -5.58
N ILE A 425 -5.15 -16.41 -4.33
CA ILE A 425 -4.63 -17.71 -3.92
C ILE A 425 -5.80 -18.54 -3.36
N ASP A 426 -6.18 -19.64 -4.04
CA ASP A 426 -7.29 -20.49 -3.61
C ASP A 426 -6.93 -21.45 -2.43
N SER A 427 -7.94 -22.17 -1.87
CA SER A 427 -7.90 -23.14 -0.75
C SER A 427 -8.86 -22.75 0.36
N THR B 30 -11.45 12.08 -26.11
CA THR B 30 -10.22 11.99 -26.90
C THR B 30 -9.13 12.90 -26.31
N GLY B 31 -7.86 12.63 -26.65
CA GLY B 31 -6.74 13.41 -26.14
C GLY B 31 -6.41 13.01 -24.71
N ASP B 32 -6.04 13.99 -23.85
CA ASP B 32 -5.76 13.68 -22.45
C ASP B 32 -7.04 13.74 -21.60
N VAL B 33 -6.99 13.21 -20.36
CA VAL B 33 -8.10 13.18 -19.43
C VAL B 33 -8.73 14.58 -19.24
N LYS B 34 -10.06 14.68 -19.34
CA LYS B 34 -10.80 15.93 -19.23
C LYS B 34 -12.17 15.68 -18.59
N LEU B 35 -12.56 16.49 -17.59
CA LEU B 35 -13.87 16.37 -16.93
C LEU B 35 -14.58 17.73 -16.90
N VAL B 36 -15.69 17.85 -17.63
CA VAL B 36 -16.40 19.13 -17.73
C VAL B 36 -17.72 19.11 -17.01
N GLU B 37 -17.86 19.94 -15.97
CA GLU B 37 -19.10 20.02 -15.20
C GLU B 37 -20.00 21.09 -15.75
N SER B 38 -21.28 20.77 -15.87
CA SER B 38 -22.31 21.64 -16.39
C SER B 38 -23.49 21.66 -15.42
N GLY B 39 -24.36 22.65 -15.58
CA GLY B 39 -25.51 22.90 -14.73
C GLY B 39 -25.15 23.96 -13.71
N GLY B 40 -25.85 23.98 -12.60
CA GLY B 40 -25.53 24.91 -11.51
C GLY B 40 -25.87 26.34 -11.80
N GLY B 41 -26.15 27.08 -10.73
CA GLY B 41 -26.50 28.49 -10.80
C GLY B 41 -27.10 28.92 -9.49
N LEU B 42 -28.38 29.29 -9.49
CA LEU B 42 -29.07 29.68 -8.27
C LEU B 42 -30.42 28.96 -8.19
N VAL B 43 -30.70 28.34 -7.03
CA VAL B 43 -31.93 27.60 -6.76
C VAL B 43 -32.50 28.08 -5.42
N LYS B 44 -33.84 28.19 -5.32
CA LYS B 44 -34.46 28.54 -4.04
C LYS B 44 -34.27 27.38 -3.07
N LEU B 45 -34.33 27.65 -1.74
CA LEU B 45 -34.20 26.57 -0.76
C LEU B 45 -35.41 25.65 -0.88
N GLY B 46 -35.15 24.36 -0.97
CA GLY B 46 -36.18 23.35 -1.19
C GLY B 46 -36.30 22.91 -2.64
N GLY B 47 -35.69 23.67 -3.55
CA GLY B 47 -35.75 23.38 -4.98
C GLY B 47 -34.96 22.18 -5.45
N SER B 48 -35.02 21.90 -6.77
CA SER B 48 -34.34 20.78 -7.41
C SER B 48 -33.44 21.23 -8.56
N LEU B 49 -32.35 20.51 -8.79
CA LEU B 49 -31.40 20.86 -9.84
C LEU B 49 -30.59 19.63 -10.25
N LYS B 50 -30.31 19.46 -11.55
CA LYS B 50 -29.52 18.34 -12.03
C LYS B 50 -28.15 18.84 -12.53
N LEU B 51 -27.06 18.17 -12.12
CA LEU B 51 -25.71 18.50 -12.58
C LEU B 51 -25.18 17.40 -13.47
N SER B 52 -24.34 17.78 -14.44
CA SER B 52 -23.77 16.80 -15.34
C SER B 52 -22.27 16.94 -15.51
N CYS B 53 -21.61 15.83 -15.78
CA CYS B 53 -20.17 15.82 -15.99
C CYS B 53 -19.87 15.04 -17.25
N ALA B 54 -19.12 15.65 -18.18
CA ALA B 54 -18.72 15.04 -19.45
C ALA B 54 -17.29 14.57 -19.31
N ALA B 55 -17.07 13.25 -19.38
CA ALA B 55 -15.72 12.68 -19.28
C ALA B 55 -15.16 12.36 -20.69
N SER B 56 -13.91 12.75 -20.95
CA SER B 56 -13.27 12.46 -22.24
C SER B 56 -11.78 12.21 -22.04
N GLY B 57 -11.17 11.40 -22.91
CA GLY B 57 -9.76 11.09 -22.82
C GLY B 57 -9.39 9.90 -21.95
N PHE B 58 -10.35 9.00 -21.67
CA PHE B 58 -10.06 7.79 -20.89
C PHE B 58 -11.19 6.74 -20.96
N THR B 59 -10.91 5.49 -20.52
CA THR B 59 -11.99 4.49 -20.43
C THR B 59 -12.73 4.78 -19.08
N PHE B 60 -13.80 5.60 -19.17
CA PHE B 60 -14.67 6.06 -18.14
C PHE B 60 -15.23 4.93 -17.28
N SER B 61 -15.67 3.84 -17.93
CA SER B 61 -16.23 2.67 -17.26
C SER B 61 -15.23 1.95 -16.34
N SER B 62 -13.94 2.27 -16.45
CA SER B 62 -12.92 1.64 -15.60
C SER B 62 -12.64 2.44 -14.30
N TYR B 63 -13.27 3.61 -14.15
CA TYR B 63 -13.08 4.49 -13.01
C TYR B 63 -14.31 4.68 -12.18
N TYR B 64 -14.08 4.84 -10.86
CA TYR B 64 -15.08 5.16 -9.87
C TYR B 64 -15.28 6.66 -10.00
N MET B 65 -16.52 7.17 -10.00
CA MET B 65 -16.73 8.60 -10.16
C MET B 65 -17.35 9.22 -8.93
N SER B 66 -16.98 10.47 -8.64
CA SER B 66 -17.48 11.15 -7.45
C SER B 66 -17.86 12.58 -7.73
N TRP B 67 -18.75 13.13 -6.88
CA TRP B 67 -19.11 14.53 -6.83
C TRP B 67 -18.56 14.96 -5.49
N VAL B 68 -17.65 15.91 -5.49
CA VAL B 68 -16.99 16.40 -4.28
C VAL B 68 -17.13 17.88 -4.33
N ARG B 69 -17.70 18.48 -3.29
CA ARG B 69 -17.95 19.92 -3.28
C ARG B 69 -17.00 20.69 -2.39
N GLN B 70 -16.84 21.98 -2.66
CA GLN B 70 -16.01 22.85 -1.87
C GLN B 70 -16.82 24.03 -1.34
N THR B 71 -17.09 24.01 -0.03
CA THR B 71 -17.87 25.02 0.68
C THR B 71 -17.22 26.43 0.55
N PRO B 72 -17.94 27.52 0.83
CA PRO B 72 -17.29 28.86 0.79
C PRO B 72 -16.12 28.96 1.80
N GLU B 73 -16.16 28.17 2.87
CA GLU B 73 -15.07 28.07 3.87
C GLU B 73 -13.86 27.27 3.34
N LYS B 74 -13.94 26.78 2.10
CA LYS B 74 -12.95 25.99 1.41
C LYS B 74 -12.82 24.59 2.00
N ARG B 75 -13.91 24.04 2.59
CA ARG B 75 -13.87 22.65 3.05
C ARG B 75 -14.23 21.71 1.87
N LEU B 76 -13.56 20.57 1.77
CA LEU B 76 -13.85 19.62 0.70
C LEU B 76 -14.70 18.50 1.30
N GLU B 77 -15.82 18.17 0.64
CA GLU B 77 -16.74 17.17 1.13
C GLU B 77 -17.22 16.24 0.02
N LEU B 78 -17.16 14.92 0.26
CA LEU B 78 -17.71 13.96 -0.69
C LEU B 78 -19.23 14.08 -0.65
N VAL B 79 -19.86 14.27 -1.81
CA VAL B 79 -21.30 14.37 -1.94
C VAL B 79 -21.90 13.02 -2.38
N ALA B 80 -21.27 12.34 -3.33
CA ALA B 80 -21.76 11.05 -3.84
C ALA B 80 -20.66 10.34 -4.62
N ALA B 81 -20.74 9.02 -4.67
CA ALA B 81 -19.79 8.23 -5.41
C ALA B 81 -20.49 7.05 -6.04
N ILE B 82 -20.03 6.66 -7.21
CA ILE B 82 -20.55 5.53 -7.97
C ILE B 82 -19.41 4.62 -8.48
N ASN B 83 -19.62 3.30 -8.44
CA ASN B 83 -18.61 2.38 -8.90
C ASN B 83 -18.54 2.34 -10.43
N ASN B 84 -17.56 1.60 -10.96
CA ASN B 84 -17.27 1.46 -12.38
C ASN B 84 -18.52 1.07 -13.22
N ASN B 85 -19.17 -0.07 -12.92
CA ASN B 85 -20.40 -0.54 -13.60
C ASN B 85 -21.65 0.28 -13.29
N GLY B 86 -21.62 1.05 -12.23
CA GLY B 86 -22.75 1.88 -11.84
C GLY B 86 -23.80 1.19 -11.00
N GLY B 87 -23.48 0.02 -10.45
CA GLY B 87 -24.40 -0.76 -9.63
C GLY B 87 -24.32 -0.46 -8.14
N SER B 88 -23.21 0.11 -7.69
CA SER B 88 -23.03 0.46 -6.29
C SER B 88 -22.76 1.93 -6.10
N THR B 89 -23.50 2.51 -5.20
CA THR B 89 -23.42 3.93 -4.90
C THR B 89 -23.24 4.12 -3.42
N TYR B 90 -22.69 5.27 -3.05
CA TYR B 90 -22.58 5.66 -1.67
C TYR B 90 -22.93 7.14 -1.54
N TYR B 91 -23.67 7.49 -0.46
CA TYR B 91 -24.04 8.86 -0.18
C TYR B 91 -23.82 9.08 1.28
N PRO B 92 -23.10 10.13 1.68
CA PRO B 92 -23.01 10.46 3.11
C PRO B 92 -24.40 10.82 3.68
N ASP B 93 -24.59 10.70 5.03
CA ASP B 93 -25.87 11.00 5.68
C ASP B 93 -26.38 12.42 5.45
N THR B 94 -25.48 13.39 5.17
CA THR B 94 -25.86 14.77 4.89
C THR B 94 -26.65 14.94 3.54
N VAL B 95 -26.50 13.99 2.60
CA VAL B 95 -27.19 14.08 1.32
C VAL B 95 -28.08 12.86 1.02
N LYS B 96 -27.93 11.77 1.80
CA LYS B 96 -28.66 10.52 1.61
C LYS B 96 -30.17 10.77 1.67
N GLY B 97 -30.85 10.40 0.58
CA GLY B 97 -32.29 10.60 0.45
C GLY B 97 -32.69 11.86 -0.29
N ARG B 98 -31.72 12.70 -0.69
CA ARG B 98 -31.99 13.94 -1.41
C ARG B 98 -31.28 13.90 -2.76
N PHE B 99 -30.03 13.39 -2.78
CA PHE B 99 -29.22 13.35 -3.99
C PHE B 99 -29.15 11.96 -4.59
N THR B 100 -29.02 11.90 -5.89
CA THR B 100 -28.92 10.63 -6.61
C THR B 100 -27.87 10.66 -7.69
N ILE B 101 -26.86 9.79 -7.55
CA ILE B 101 -25.77 9.68 -8.51
C ILE B 101 -26.09 8.60 -9.58
N SER B 102 -25.76 8.90 -10.83
CA SER B 102 -25.99 7.98 -11.93
C SER B 102 -24.94 8.14 -12.98
N ARG B 103 -24.68 7.07 -13.74
CA ARG B 103 -23.71 7.16 -14.81
C ARG B 103 -24.22 6.48 -16.08
N ASP B 104 -23.80 7.01 -17.21
CA ASP B 104 -24.11 6.45 -18.51
C ASP B 104 -22.77 6.18 -19.09
N ASN B 105 -22.34 4.92 -19.05
CA ASN B 105 -21.03 4.54 -19.56
C ASN B 105 -20.96 4.65 -21.09
N ALA B 106 -22.10 4.52 -21.80
CA ALA B 106 -22.11 4.62 -23.27
C ALA B 106 -21.96 6.07 -23.72
N LYS B 107 -22.51 7.03 -22.95
CA LYS B 107 -22.38 8.44 -23.27
C LYS B 107 -21.19 9.13 -22.59
N ASN B 108 -20.45 8.41 -21.70
CA ASN B 108 -19.34 8.97 -20.94
C ASN B 108 -19.81 10.13 -20.02
N THR B 109 -20.99 9.99 -19.42
CA THR B 109 -21.53 11.05 -18.56
C THR B 109 -21.75 10.62 -17.14
N LEU B 110 -21.67 11.58 -16.21
CA LEU B 110 -21.95 11.42 -14.77
C LEU B 110 -23.01 12.44 -14.36
N ASN B 111 -24.07 11.98 -13.69
CA ASN B 111 -25.14 12.87 -13.28
C ASN B 111 -25.42 12.89 -11.78
N LEU B 112 -25.93 14.00 -11.29
CA LEU B 112 -26.31 14.13 -9.89
C LEU B 112 -27.60 14.90 -9.82
N GLN B 113 -28.68 14.23 -9.43
CA GLN B 113 -29.95 14.89 -9.24
C GLN B 113 -30.00 15.32 -7.79
N MET B 114 -30.09 16.63 -7.55
CA MET B 114 -30.12 17.20 -6.22
C MET B 114 -31.50 17.71 -5.89
N ASN B 115 -32.17 17.11 -4.90
CA ASN B 115 -33.48 17.54 -4.44
C ASN B 115 -33.41 18.17 -3.04
N SER B 116 -34.46 18.96 -2.67
CA SER B 116 -34.65 19.61 -1.36
C SER B 116 -33.41 20.38 -0.92
N LEU B 117 -32.91 21.26 -1.78
CA LEU B 117 -31.65 21.96 -1.54
C LEU B 117 -31.65 22.85 -0.30
N LYS B 118 -30.61 22.75 0.55
CA LYS B 118 -30.46 23.55 1.76
C LYS B 118 -29.34 24.60 1.59
N SER B 119 -29.25 25.58 2.52
CA SER B 119 -28.21 26.60 2.43
C SER B 119 -26.79 26.01 2.51
N GLU B 120 -26.65 24.87 3.21
CA GLU B 120 -25.43 24.08 3.41
C GLU B 120 -24.88 23.54 2.07
N ASP B 121 -25.79 23.33 1.08
CA ASP B 121 -25.47 22.82 -0.25
C ASP B 121 -24.81 23.84 -1.17
N THR B 122 -24.75 25.12 -0.79
CA THR B 122 -24.10 26.17 -1.58
C THR B 122 -22.59 25.88 -1.63
N ALA B 123 -22.09 25.41 -2.78
CA ALA B 123 -20.68 25.03 -2.95
C ALA B 123 -20.29 24.93 -4.43
N LEU B 124 -18.98 24.86 -4.75
CA LEU B 124 -18.47 24.59 -6.09
C LEU B 124 -18.44 23.08 -6.19
N TYR B 125 -19.15 22.48 -7.15
CA TYR B 125 -19.21 21.02 -7.27
C TYR B 125 -18.24 20.48 -8.29
N TYR B 126 -17.20 19.78 -7.81
CA TYR B 126 -16.23 19.17 -8.70
C TYR B 126 -16.63 17.76 -9.05
N CYS B 127 -16.33 17.38 -10.29
CA CYS B 127 -16.49 16.04 -10.80
C CYS B 127 -15.04 15.49 -10.75
N THR B 128 -14.85 14.30 -10.16
CA THR B 128 -13.50 13.74 -10.01
C THR B 128 -13.48 12.22 -10.09
N ARG B 129 -12.30 11.63 -10.34
CA ARG B 129 -12.19 10.20 -10.54
C ARG B 129 -11.15 9.52 -9.64
N GLN B 130 -11.36 8.24 -9.43
CA GLN B 130 -10.46 7.35 -8.70
C GLN B 130 -10.46 6.04 -9.43
N HIS B 131 -9.44 5.24 -9.18
CA HIS B 131 -9.36 3.91 -9.71
C HIS B 131 -9.03 3.03 -8.53
N TYR B 132 -9.62 1.81 -8.45
CA TYR B 132 -9.24 0.84 -7.42
C TYR B 132 -7.67 0.63 -7.45
N GLY B 133 -7.12 0.51 -8.66
CA GLY B 133 -5.69 0.34 -8.90
C GLY B 133 -4.76 1.48 -8.59
N ASN B 134 -5.26 2.69 -8.33
CA ASN B 134 -4.40 3.80 -7.90
C ASN B 134 -4.59 4.12 -6.35
N LEU B 135 -5.14 3.15 -5.61
CA LEU B 135 -5.46 3.29 -4.18
C LEU B 135 -6.50 4.40 -3.96
N TYR B 136 -7.49 4.46 -4.86
CA TYR B 136 -8.57 5.43 -4.81
C TYR B 136 -8.11 6.86 -4.63
N PHE B 137 -7.14 7.28 -5.43
CA PHE B 137 -6.55 8.62 -5.41
C PHE B 137 -7.26 9.46 -6.46
N PHE B 138 -7.71 10.67 -6.07
CA PHE B 138 -8.41 11.58 -6.98
C PHE B 138 -7.40 12.25 -7.89
N ASP B 139 -6.98 11.55 -8.97
CA ASP B 139 -5.90 12.04 -9.86
C ASP B 139 -6.37 13.10 -10.87
N TYR B 140 -7.69 13.17 -11.13
CA TYR B 140 -8.21 14.17 -12.04
C TYR B 140 -9.46 14.76 -11.50
N TRP B 141 -9.50 16.08 -11.50
CA TRP B 141 -10.65 16.84 -11.01
C TRP B 141 -11.01 17.84 -12.09
N GLY B 142 -12.30 18.13 -12.27
CA GLY B 142 -12.70 19.16 -13.23
C GLY B 142 -12.53 20.56 -12.62
N GLN B 143 -12.95 21.61 -13.35
CA GLN B 143 -12.86 22.98 -12.80
C GLN B 143 -13.99 23.35 -11.81
N GLY B 144 -15.07 22.59 -11.84
CA GLY B 144 -16.20 22.78 -10.93
C GLY B 144 -17.35 23.58 -11.50
N THR B 145 -18.56 23.33 -10.99
CA THR B 145 -19.78 24.06 -11.36
C THR B 145 -20.36 24.66 -10.08
N THR B 146 -20.60 25.98 -10.04
CA THR B 146 -21.09 26.64 -8.82
C THR B 146 -22.61 26.50 -8.57
N LEU B 147 -22.99 26.22 -7.32
CA LEU B 147 -24.40 26.20 -6.91
C LEU B 147 -24.56 27.20 -5.76
N THR B 148 -25.51 28.13 -5.88
CA THR B 148 -25.78 29.13 -4.85
C THR B 148 -27.24 29.00 -4.43
N VAL B 149 -27.49 28.29 -3.33
CA VAL B 149 -28.84 28.04 -2.85
C VAL B 149 -29.36 29.23 -2.02
N SER B 150 -30.27 30.05 -2.61
CA SER B 150 -30.97 31.19 -1.99
C SER B 150 -31.89 31.95 -2.95
N SER B 157 -29.55 36.35 8.98
CA SER B 157 -29.13 34.97 8.71
C SER B 157 -27.74 34.88 8.09
N SER B 158 -26.84 34.12 8.72
CA SER B 158 -25.49 33.95 8.16
C SER B 158 -24.80 32.74 8.80
N SER B 159 -23.68 32.34 8.21
CA SER B 159 -22.93 31.16 8.72
C SER B 159 -21.53 31.12 8.12
N GLY B 160 -20.84 29.99 8.34
CA GLY B 160 -19.45 29.84 7.87
C GLY B 160 -18.76 28.99 8.91
N GLY B 161 -18.14 27.88 8.51
CA GLY B 161 -17.42 26.98 9.44
C GLY B 161 -18.07 25.61 9.53
N GLY B 162 -17.29 24.59 9.89
CA GLY B 162 -17.85 23.23 10.11
C GLY B 162 -18.26 22.52 8.84
N GLY B 163 -19.47 22.78 8.34
CA GLY B 163 -19.93 22.15 7.10
C GLY B 163 -21.02 21.10 7.20
N SER B 164 -21.79 21.10 8.31
CA SER B 164 -22.86 20.11 8.57
C SER B 164 -22.36 18.63 8.58
N GLY B 165 -21.05 18.43 8.40
CA GLY B 165 -20.36 17.14 8.51
C GLY B 165 -19.63 17.04 9.86
N GLY B 166 -18.91 15.95 10.05
CA GLY B 166 -18.14 15.66 11.24
C GLY B 166 -18.74 14.60 12.15
N GLY B 167 -19.92 14.09 11.81
CA GLY B 167 -20.61 13.08 12.60
C GLY B 167 -20.51 11.68 12.04
N GLY B 168 -20.24 10.71 12.90
CA GLY B 168 -20.13 9.29 12.56
C GLY B 168 -19.21 8.96 11.40
N GLN B 169 -18.02 9.54 11.40
CA GLN B 169 -17.03 9.39 10.35
C GLN B 169 -15.63 9.66 10.95
N ILE B 170 -14.57 9.23 10.24
CA ILE B 170 -13.20 9.53 10.64
C ILE B 170 -13.00 11.00 10.24
N VAL B 171 -12.69 11.83 11.21
CA VAL B 171 -12.51 13.27 10.96
C VAL B 171 -11.01 13.56 10.85
N LEU B 172 -10.64 14.45 9.90
CA LEU B 172 -9.24 14.83 9.75
C LEU B 172 -8.96 16.27 10.27
N SER B 173 -8.04 16.32 11.20
CA SER B 173 -7.67 17.55 11.84
C SER B 173 -6.31 17.99 11.35
N GLN B 174 -6.27 19.05 10.53
CA GLN B 174 -4.98 19.52 9.98
C GLN B 174 -4.46 20.69 10.74
N SER B 175 -3.15 20.74 10.94
CA SER B 175 -2.53 21.82 11.68
C SER B 175 -1.19 22.17 11.07
N PRO B 176 -0.87 23.45 10.89
CA PRO B 176 -1.69 24.64 11.24
C PRO B 176 -2.73 24.97 10.17
N ALA B 177 -3.62 25.94 10.42
CA ALA B 177 -4.56 26.38 9.39
C ALA B 177 -3.84 27.29 8.40
N ILE B 178 -2.90 28.13 8.90
CA ILE B 178 -2.09 29.01 8.08
C ILE B 178 -0.63 28.85 8.49
N LEU B 179 0.22 28.37 7.55
CA LEU B 179 1.66 28.19 7.80
C LEU B 179 2.43 29.29 7.08
N SER B 180 2.86 30.35 7.78
CA SER B 180 3.64 31.42 7.16
C SER B 180 5.10 31.13 7.41
N ALA B 181 5.84 30.70 6.38
CA ALA B 181 7.24 30.36 6.51
C ALA B 181 8.14 31.26 5.64
N SER B 182 9.45 31.32 5.96
CA SER B 182 10.44 32.09 5.21
C SER B 182 11.12 31.16 4.20
N PRO B 183 11.46 31.67 3.00
CA PRO B 183 12.10 30.81 1.99
C PRO B 183 13.34 30.06 2.49
N GLY B 184 13.54 28.85 1.98
CA GLY B 184 14.67 28.01 2.37
C GLY B 184 14.52 27.35 3.73
N GLU B 185 13.30 27.36 4.32
CA GLU B 185 13.08 26.76 5.62
C GLU B 185 12.42 25.39 5.50
N LYS B 186 12.72 24.49 6.45
CA LYS B 186 12.10 23.18 6.48
C LYS B 186 10.76 23.34 7.18
N VAL B 187 9.66 22.96 6.51
CA VAL B 187 8.34 23.08 7.13
C VAL B 187 7.64 21.73 7.20
N THR B 188 6.71 21.59 8.13
CA THR B 188 5.92 20.37 8.32
C THR B 188 4.53 20.76 8.71
N MET B 189 3.54 20.12 8.10
CA MET B 189 2.12 20.27 8.44
C MET B 189 1.59 18.89 8.84
N THR B 190 0.70 18.84 9.83
CA THR B 190 0.23 17.57 10.36
C THR B 190 -1.24 17.29 9.97
N CYS B 191 -1.61 16.03 9.98
CA CYS B 191 -2.94 15.56 9.67
C CYS B 191 -3.22 14.51 10.73
N ARG B 192 -4.07 14.83 11.68
CA ARG B 192 -4.44 13.90 12.72
C ARG B 192 -5.84 13.35 12.43
N ALA B 193 -6.02 12.06 12.65
CA ALA B 193 -7.27 11.37 12.34
C ALA B 193 -7.97 10.94 13.62
N SER B 194 -9.30 11.13 13.72
CA SER B 194 -10.08 10.81 14.96
C SER B 194 -9.83 9.38 15.42
N SER B 195 -9.63 8.46 14.47
CA SER B 195 -9.27 7.07 14.73
C SER B 195 -8.39 6.55 13.52
N SER B 196 -7.70 5.42 13.70
CA SER B 196 -6.78 4.86 12.70
C SER B 196 -7.20 4.90 11.28
N VAL B 197 -6.30 5.38 10.44
CA VAL B 197 -6.43 5.32 9.01
C VAL B 197 -5.20 4.58 8.50
N THR B 198 -5.38 3.65 7.52
CA THR B 198 -4.26 2.88 6.98
C THR B 198 -3.43 3.64 5.91
N TYR B 199 -3.86 4.83 5.51
CA TYR B 199 -3.11 5.70 4.58
C TYR B 199 -3.74 7.11 4.52
N ILE B 200 -2.98 8.12 4.04
CA ILE B 200 -3.51 9.47 3.78
C ILE B 200 -3.09 9.92 2.31
N HIS B 201 -3.96 10.59 1.57
CA HIS B 201 -3.62 11.15 0.26
C HIS B 201 -3.52 12.67 0.49
N TRP B 202 -2.57 13.33 -0.15
CA TRP B 202 -2.41 14.79 -0.07
C TRP B 202 -2.76 15.41 -1.44
N TYR B 203 -3.41 16.57 -1.42
CA TYR B 203 -3.81 17.32 -2.62
C TYR B 203 -3.38 18.78 -2.45
N GLN B 204 -2.98 19.43 -3.54
CA GLN B 204 -2.58 20.83 -3.49
C GLN B 204 -3.56 21.66 -4.30
N GLN B 205 -3.98 22.80 -3.77
CA GLN B 205 -4.90 23.67 -4.46
C GLN B 205 -4.41 25.10 -4.40
N LYS B 206 -4.28 25.71 -5.58
CA LYS B 206 -3.89 27.10 -5.74
C LYS B 206 -5.13 27.87 -6.20
N PRO B 207 -5.33 29.11 -5.73
CA PRO B 207 -6.54 29.85 -6.09
C PRO B 207 -6.83 29.93 -7.58
N GLY B 208 -8.11 29.73 -7.92
CA GLY B 208 -8.53 29.73 -9.31
C GLY B 208 -8.53 28.37 -9.99
N SER B 209 -7.98 27.34 -9.33
CA SER B 209 -7.95 25.99 -9.91
C SER B 209 -8.42 24.94 -8.90
N SER B 210 -8.84 23.78 -9.40
CA SER B 210 -9.32 22.69 -8.58
C SER B 210 -8.16 21.98 -7.82
N PRO B 211 -8.45 21.14 -6.79
CA PRO B 211 -7.36 20.38 -6.13
C PRO B 211 -6.62 19.48 -7.15
N LYS B 212 -5.33 19.23 -6.91
CA LYS B 212 -4.51 18.40 -7.76
C LYS B 212 -3.74 17.38 -6.93
N PRO B 213 -3.62 16.14 -7.43
CA PRO B 213 -2.84 15.11 -6.72
C PRO B 213 -1.44 15.57 -6.30
N TRP B 214 -1.06 15.29 -5.07
CA TRP B 214 0.24 15.74 -4.57
C TRP B 214 1.04 14.60 -3.98
N ILE B 215 0.46 13.86 -3.04
CA ILE B 215 1.11 12.72 -2.40
C ILE B 215 0.09 11.58 -2.35
N GLN B 216 0.44 10.46 -2.98
CA GLN B 216 -0.35 9.25 -3.09
C GLN B 216 0.08 8.26 -2.06
N ALA B 217 -0.92 7.64 -1.40
CA ALA B 217 -0.76 6.60 -0.39
C ALA B 217 0.32 6.89 0.63
N THR B 218 0.20 8.02 1.32
CA THR B 218 1.04 8.47 2.43
C THR B 218 2.39 9.04 2.02
N SER B 219 3.16 8.36 1.18
CA SER B 219 4.53 8.80 0.88
C SER B 219 4.96 8.82 -0.58
N SER B 220 4.13 8.38 -1.50
CA SER B 220 4.50 8.32 -2.92
C SER B 220 4.11 9.59 -3.63
N LEU B 221 5.06 10.50 -3.88
CA LEU B 221 4.82 11.77 -4.55
C LEU B 221 4.14 11.62 -5.90
N ALA B 222 3.24 12.56 -6.25
CA ALA B 222 2.54 12.55 -7.54
C ALA B 222 3.50 12.98 -8.69
N SER B 223 3.13 12.77 -9.97
CA SER B 223 4.03 13.11 -11.10
C SER B 223 4.38 14.58 -11.13
N GLY B 224 5.66 14.88 -11.30
CA GLY B 224 6.12 16.26 -11.37
C GLY B 224 6.36 16.99 -10.05
N VAL B 225 5.90 16.42 -8.92
CA VAL B 225 6.06 17.02 -7.58
C VAL B 225 7.54 17.04 -7.19
N PRO B 226 8.07 18.23 -6.84
CA PRO B 226 9.50 18.35 -6.50
C PRO B 226 9.95 17.46 -5.35
N ALA B 227 11.22 17.03 -5.38
CA ALA B 227 11.82 16.14 -4.38
C ALA B 227 11.90 16.72 -2.99
N ARG B 228 11.74 18.04 -2.86
CA ARG B 228 11.76 18.70 -1.55
C ARG B 228 10.55 18.27 -0.70
N PHE B 229 9.45 17.87 -1.34
CA PHE B 229 8.25 17.38 -0.70
C PHE B 229 8.43 15.93 -0.27
N SER B 230 7.89 15.62 0.89
CA SER B 230 7.85 14.31 1.48
C SER B 230 6.53 14.15 2.31
N GLY B 231 6.09 12.92 2.43
CA GLY B 231 4.89 12.57 3.17
C GLY B 231 5.20 11.39 4.04
N SER B 232 4.64 11.36 5.24
CA SER B 232 4.90 10.28 6.18
C SER B 232 3.76 10.08 7.20
N GLY B 233 3.81 8.99 7.95
CA GLY B 233 2.85 8.72 9.00
C GLY B 233 2.26 7.33 9.01
N SER B 234 1.49 7.06 10.05
CA SER B 234 0.70 5.85 10.28
C SER B 234 -0.34 6.15 11.40
N GLY B 235 -1.30 5.23 11.60
CA GLY B 235 -2.32 5.29 12.63
C GLY B 235 -3.24 6.49 12.54
N THR B 236 -3.12 7.37 13.52
CA THR B 236 -3.88 8.60 13.62
C THR B 236 -3.01 9.83 13.36
N SER B 237 -1.72 9.68 13.10
CA SER B 237 -0.83 10.82 12.88
C SER B 237 -0.06 10.70 11.57
N TYR B 238 -0.24 11.69 10.67
CA TYR B 238 0.39 11.76 9.36
C TYR B 238 0.94 13.19 9.14
N SER B 239 1.86 13.36 8.19
CA SER B 239 2.43 14.68 7.95
C SER B 239 2.97 14.89 6.53
N LEU B 240 3.04 16.15 6.12
CA LEU B 240 3.62 16.54 4.86
C LEU B 240 4.76 17.51 5.23
N SER B 241 5.96 17.26 4.73
CA SER B 241 7.10 18.11 4.98
C SER B 241 7.72 18.63 3.67
N ILE B 242 8.32 19.83 3.73
CA ILE B 242 9.01 20.44 2.59
C ILE B 242 10.39 20.80 3.11
N SER B 243 11.47 20.23 2.52
CA SER B 243 12.84 20.45 2.98
C SER B 243 13.34 21.89 2.85
N ARG B 244 12.89 22.60 1.81
CA ARG B 244 13.26 23.98 1.55
C ARG B 244 12.06 24.61 0.86
N VAL B 245 11.34 25.49 1.55
CA VAL B 245 10.13 26.10 0.98
C VAL B 245 10.47 27.20 -0.03
N GLU B 246 9.70 27.26 -1.11
CA GLU B 246 9.84 28.24 -2.18
C GLU B 246 8.48 28.89 -2.53
N ALA B 247 8.51 29.99 -3.33
CA ALA B 247 7.33 30.71 -3.79
C ALA B 247 6.31 29.80 -4.49
N GLU B 248 6.81 28.78 -5.20
CA GLU B 248 6.02 27.81 -5.95
C GLU B 248 5.17 26.90 -5.04
N ASP B 249 5.62 26.67 -3.81
CA ASP B 249 4.91 25.82 -2.87
C ASP B 249 3.68 26.48 -2.21
N ALA B 250 3.56 27.81 -2.29
CA ALA B 250 2.44 28.52 -1.68
C ALA B 250 1.11 28.05 -2.27
N ALA B 251 0.32 27.33 -1.44
CA ALA B 251 -0.97 26.71 -1.80
C ALA B 251 -1.62 26.10 -0.53
N THR B 252 -2.89 25.64 -0.64
CA THR B 252 -3.55 24.95 0.44
C THR B 252 -3.33 23.46 0.19
N TYR B 253 -2.86 22.75 1.21
CA TYR B 253 -2.61 21.33 1.12
C TYR B 253 -3.67 20.62 1.97
N TYR B 254 -4.37 19.67 1.37
CA TYR B 254 -5.43 18.95 2.08
C TYR B 254 -5.01 17.50 2.20
N CYS B 255 -5.30 16.89 3.35
CA CYS B 255 -5.11 15.46 3.50
C CYS B 255 -6.52 14.83 3.31
N GLN B 256 -6.56 13.54 3.03
CA GLN B 256 -7.80 12.84 2.70
C GLN B 256 -7.61 11.38 3.12
N GLN B 257 -8.65 10.77 3.69
CA GLN B 257 -8.57 9.36 4.08
C GLN B 257 -9.74 8.58 3.45
N TRP B 258 -9.55 7.27 3.20
CA TRP B 258 -10.69 6.41 2.88
C TRP B 258 -10.46 5.05 3.52
N SER B 259 -10.47 4.99 4.85
CA SER B 259 -10.33 3.70 5.54
C SER B 259 -11.71 3.11 5.94
N SER B 260 -12.74 3.97 5.94
CA SER B 260 -14.12 3.59 6.21
C SER B 260 -15.05 4.64 5.54
N ASN B 261 -16.29 4.25 5.21
CA ASN B 261 -17.23 5.22 4.69
C ASN B 261 -17.74 6.12 5.85
N PRO B 262 -17.82 7.44 5.61
CA PRO B 262 -17.53 8.14 4.34
C PRO B 262 -16.07 8.53 4.17
N LEU B 263 -15.69 8.87 2.95
CA LEU B 263 -14.36 9.34 2.63
C LEU B 263 -14.35 10.78 3.12
N THR B 264 -13.28 11.20 3.79
CA THR B 264 -13.23 12.56 4.30
C THR B 264 -11.92 13.24 3.97
N PHE B 265 -11.94 14.57 3.93
CA PHE B 265 -10.76 15.42 3.77
C PHE B 265 -10.59 16.30 5.01
N GLY B 266 -9.38 16.78 5.26
CA GLY B 266 -9.13 17.75 6.31
C GLY B 266 -9.47 19.15 5.79
N ALA B 267 -9.35 20.17 6.64
CA ALA B 267 -9.71 21.54 6.29
C ALA B 267 -8.69 22.31 5.44
N GLY B 268 -7.45 21.83 5.40
CA GLY B 268 -6.39 22.46 4.62
C GLY B 268 -5.41 23.29 5.43
N THR B 269 -4.15 23.33 4.99
CA THR B 269 -3.10 24.13 5.62
C THR B 269 -2.64 25.11 4.57
N LYS B 270 -2.97 26.39 4.74
CA LYS B 270 -2.61 27.40 3.76
C LYS B 270 -1.15 27.81 3.92
N LEU B 271 -0.26 27.43 2.96
CA LEU B 271 1.16 27.77 2.99
C LEU B 271 1.38 29.19 2.45
N GLU B 272 2.02 30.05 3.26
CA GLU B 272 2.23 31.46 2.96
C GLU B 272 3.71 31.88 3.03
N LEU B 273 4.15 32.75 2.11
CA LEU B 273 5.51 33.31 2.11
C LEU B 273 5.46 34.83 1.88
N LYS B 274 4.99 35.59 2.89
CA LYS B 274 4.90 37.05 2.78
C LYS B 274 6.23 37.75 3.10
#